data_5X5H
#
_entry.id   5X5H
#
_cell.length_a   58.574
_cell.length_b   149.851
_cell.length_c   161.858
_cell.angle_alpha   90.000
_cell.angle_beta   90.000
_cell.angle_gamma   90.000
#
_symmetry.space_group_name_H-M   'F 2 2 2'
#
loop_
_entity.id
_entity.type
_entity.pdbx_description
1 polymer 'Cystathionine beta-lyases/cystathionine gamma-synthases'
2 non-polymer "PYRIDOXAL-5'-PHOSPHATE"
3 non-polymer GLYCEROL
4 non-polymer 'MAGNESIUM ION'
5 water water
#
_entity_poly.entity_id   1
_entity_poly.type   'polypeptide(L)'
_entity_poly.pdbx_seq_one_letter_code
;MSFDPNTQGFSTASIHAGYEPDDYYGSINTPIYASTTFAQNAPNELRKGYEYTRVGNPTIVALEQTVAALEGAKYGRAFS
SGMAATDILFRIILKPGDHIVLGNDAYGGTYRLIDTVFTAWGVEYTVVDTSVVEEVKAAIKDNTKLIWVETPTNPALGIT
DIEAVAKLTEGTNAKLVVDNTFASPYLQQPLKLGAHAVLHSTTKYIGGHSDVVGGLVVTNDQEMDEELLFMQGGIGPIPS
VFDAYLTARGLKTLAVRMDRHCDNAEKIAEFLDSRPEVSTVLYPGLKNHPGHEVAAKQMKRFGGMISVRFAGGEEAAKKF
CTSTKLICLAESLGGVESLLEHPATMTHQSAAGSQLEVPRDLVRISIGIEDIEDLLADVEQALNNLHHHHHH
;
_entity_poly.pdbx_strand_id   A
#
loop_
_chem_comp.id
_chem_comp.type
_chem_comp.name
_chem_comp.formula
GOL non-polymer GLYCEROL 'C3 H8 O3'
MG non-polymer 'MAGNESIUM ION' 'Mg 2'
PLP non-polymer PYRIDOXAL-5'-PHOSPHATE 'C8 H10 N O6 P'
#
# COMPACT_ATOMS: atom_id res chain seq x y z
N PHE A 3 -4.56 -22.94 -11.22
CA PHE A 3 -5.62 -22.02 -10.70
C PHE A 3 -5.93 -20.98 -11.74
N ASP A 4 -7.22 -20.72 -12.02
CA ASP A 4 -7.57 -19.60 -12.89
C ASP A 4 -8.21 -18.45 -12.10
N PRO A 5 -7.49 -17.30 -11.97
CA PRO A 5 -8.01 -16.07 -11.33
C PRO A 5 -9.29 -15.48 -11.95
N ASN A 6 -9.41 -15.59 -13.26
CA ASN A 6 -10.51 -14.94 -13.99
C ASN A 6 -11.85 -15.63 -13.74
N THR A 7 -11.84 -16.82 -13.16
CA THR A 7 -13.09 -17.49 -12.96
C THR A 7 -13.40 -17.74 -11.53
N GLN A 8 -12.57 -17.24 -10.62
CA GLN A 8 -12.79 -17.57 -9.16
C GLN A 8 -12.84 -16.30 -8.43
N GLY A 9 -13.44 -16.33 -7.27
CA GLY A 9 -13.60 -15.16 -6.46
C GLY A 9 -12.35 -14.75 -5.68
N PHE A 10 -12.39 -13.54 -5.14
CA PHE A 10 -11.23 -12.96 -4.42
C PHE A 10 -10.84 -13.79 -3.20
N SER A 11 -11.81 -14.19 -2.38
CA SER A 11 -11.51 -15.02 -1.23
C SER A 11 -10.96 -16.37 -1.61
N THR A 12 -11.47 -16.97 -2.67
CA THR A 12 -10.91 -18.20 -3.22
C THR A 12 -9.50 -18.06 -3.63
N ALA A 13 -9.22 -17.02 -4.44
CA ALA A 13 -7.86 -16.75 -4.89
C ALA A 13 -6.86 -16.48 -3.81
N SER A 14 -7.33 -15.75 -2.76
CA SER A 14 -6.44 -15.38 -1.65
C SER A 14 -5.91 -16.62 -0.92
N ILE A 15 -6.64 -17.73 -1.00
CA ILE A 15 -6.23 -19.00 -0.38
C ILE A 15 -5.56 -19.87 -1.40
N HIS A 16 -5.94 -19.90 -2.67
CA HIS A 16 -5.55 -20.95 -3.58
C HIS A 16 -4.75 -20.51 -4.76
N ALA A 17 -4.52 -19.21 -5.00
CA ALA A 17 -3.89 -18.81 -6.27
C ALA A 17 -2.39 -19.04 -6.32
N GLY A 18 -1.76 -19.13 -5.21
CA GLY A 18 -0.32 -19.29 -5.11
C GLY A 18 0.25 -20.67 -4.98
N TYR A 19 -0.50 -21.52 -4.46
CA TYR A 19 -0.09 -22.89 -4.10
C TYR A 19 -1.27 -23.82 -4.13
N GLU A 20 -1.06 -24.94 -4.80
CA GLU A 20 -1.89 -26.09 -4.61
C GLU A 20 -1.07 -27.26 -4.04
N PRO A 21 -1.76 -28.10 -3.24
CA PRO A 21 -1.01 -29.20 -2.61
C PRO A 21 -0.16 -29.92 -3.62
N ASP A 22 1.15 -29.98 -3.37
CA ASP A 22 2.10 -30.40 -4.42
C ASP A 22 1.98 -31.90 -4.77
N ASP A 23 2.75 -32.25 -5.80
CA ASP A 23 2.77 -33.61 -6.33
C ASP A 23 3.85 -34.48 -5.69
N TYR A 24 4.43 -34.05 -4.58
CA TYR A 24 5.43 -34.76 -3.87
C TYR A 24 4.80 -35.26 -2.62
N TYR A 25 4.70 -34.46 -1.51
CA TYR A 25 3.99 -34.91 -0.35
C TYR A 25 2.54 -34.50 -0.26
N GLY A 26 2.21 -33.38 -0.99
CA GLY A 26 0.81 -32.92 -0.94
C GLY A 26 0.44 -32.08 0.31
N SER A 27 1.43 -31.46 0.96
CA SER A 27 1.08 -30.62 2.13
C SER A 27 0.02 -29.60 1.80
N ILE A 28 -0.92 -29.38 2.72
CA ILE A 28 -1.97 -28.43 2.43
C ILE A 28 -1.50 -27.00 2.21
N ASN A 29 -0.42 -26.62 2.85
CA ASN A 29 0.16 -25.30 2.72
C ASN A 29 1.50 -25.32 2.05
N THR A 30 1.92 -24.20 1.42
CA THR A 30 3.25 -24.18 0.84
C THR A 30 4.32 -24.52 1.89
N PRO A 31 5.18 -25.43 1.65
CA PRO A 31 6.33 -25.66 2.55
C PRO A 31 7.17 -24.37 2.64
N ILE A 32 7.88 -24.22 3.76
CA ILE A 32 8.81 -23.16 4.02
C ILE A 32 10.17 -23.63 3.55
N TYR A 33 10.66 -23.20 2.39
CA TYR A 33 11.92 -23.70 1.90
C TYR A 33 13.08 -22.84 2.39
N ALA A 34 13.41 -23.07 3.65
CA ALA A 34 14.54 -22.40 4.30
C ALA A 34 15.89 -22.99 3.98
N SER A 35 16.23 -22.67 2.72
CA SER A 35 17.41 -23.15 2.05
C SER A 35 17.91 -22.05 1.23
N THR A 36 19.20 -21.77 1.20
CA THR A 36 19.74 -20.72 0.31
C THR A 36 20.00 -21.26 -1.07
N THR A 37 20.15 -22.58 -1.21
CA THR A 37 20.56 -23.19 -2.49
C THR A 37 19.83 -24.49 -2.68
N PHE A 38 19.91 -24.94 -3.94
CA PHE A 38 19.20 -26.11 -4.41
C PHE A 38 20.13 -26.99 -5.24
N ALA A 39 20.09 -28.28 -5.00
CA ALA A 39 20.94 -29.18 -5.74
C ALA A 39 20.55 -29.09 -7.24
N GLN A 40 21.58 -29.18 -8.12
CA GLN A 40 21.36 -29.28 -9.57
C GLN A 40 21.63 -30.66 -10.05
N ASN A 41 21.05 -31.00 -11.19
CA ASN A 41 21.26 -32.35 -11.74
C ASN A 41 22.56 -32.35 -12.57
N ALA A 42 23.03 -31.27 -13.12
CA ALA A 42 24.33 -31.09 -13.76
C ALA A 42 24.63 -29.61 -13.76
N PRO A 43 25.82 -29.09 -14.11
CA PRO A 43 26.09 -27.74 -13.99
C PRO A 43 25.12 -26.88 -14.78
N ASN A 44 24.50 -25.94 -14.08
CA ASN A 44 23.43 -25.06 -14.57
C ASN A 44 22.26 -25.80 -15.24
N GLU A 45 21.95 -27.01 -14.84
CA GLU A 45 20.74 -27.78 -15.16
C GLU A 45 19.93 -28.00 -13.83
N LEU A 46 18.92 -27.13 -13.69
CA LEU A 46 18.21 -27.05 -12.44
C LEU A 46 17.28 -28.19 -12.28
N ARG A 47 17.00 -28.61 -11.06
CA ARG A 47 16.10 -29.71 -10.80
C ARG A 47 14.62 -29.39 -11.12
N LYS A 48 14.18 -28.21 -10.64
CA LYS A 48 12.79 -27.79 -10.86
C LYS A 48 12.71 -26.23 -10.79
N GLY A 49 13.61 -25.58 -11.50
CA GLY A 49 13.57 -24.15 -11.66
C GLY A 49 14.22 -23.28 -10.69
N TYR A 50 14.76 -23.87 -9.61
CA TYR A 50 15.34 -23.05 -8.55
C TYR A 50 16.81 -23.36 -8.39
N GLU A 51 17.61 -22.38 -8.03
CA GLU A 51 19.06 -22.47 -7.88
C GLU A 51 19.56 -21.81 -6.59
N TYR A 52 19.11 -20.57 -6.29
CA TYR A 52 19.73 -19.82 -5.21
C TYR A 52 18.63 -18.87 -4.76
N THR A 53 18.34 -18.77 -3.43
CA THR A 53 17.13 -18.07 -2.99
C THR A 53 17.08 -16.60 -3.35
N ARG A 54 18.21 -15.90 -3.41
CA ARG A 54 18.15 -14.51 -3.86
C ARG A 54 17.66 -14.37 -5.28
N VAL A 55 17.88 -15.36 -6.14
CA VAL A 55 17.34 -15.38 -7.51
C VAL A 55 15.95 -15.95 -7.65
N GLY A 56 15.48 -16.73 -6.69
CA GLY A 56 14.14 -17.31 -6.67
C GLY A 56 13.98 -18.34 -5.59
N ASN A 57 12.81 -18.42 -4.94
CA ASN A 57 12.50 -19.52 -4.00
C ASN A 57 11.04 -19.82 -4.10
N PRO A 58 10.60 -21.08 -4.03
CA PRO A 58 9.18 -21.40 -4.19
C PRO A 58 8.25 -20.77 -3.19
N THR A 59 8.69 -20.63 -1.94
CA THR A 59 7.84 -20.07 -0.89
C THR A 59 7.55 -18.60 -1.18
N ILE A 60 8.54 -17.90 -1.71
CA ILE A 60 8.38 -16.46 -2.11
C ILE A 60 7.53 -16.40 -3.35
N VAL A 61 7.74 -17.24 -4.33
CA VAL A 61 6.95 -17.22 -5.59
C VAL A 61 5.49 -17.51 -5.30
N ALA A 62 5.18 -18.35 -4.32
CA ALA A 62 3.77 -18.58 -3.94
C ALA A 62 3.07 -17.30 -3.54
N LEU A 63 3.75 -16.52 -2.71
CA LEU A 63 3.22 -15.20 -2.33
C LEU A 63 3.00 -14.25 -3.49
N GLU A 64 4.03 -14.17 -4.31
CA GLU A 64 4.01 -13.31 -5.51
C GLU A 64 2.88 -13.61 -6.42
N GLN A 65 2.62 -14.89 -6.67
CA GLN A 65 1.56 -15.32 -7.57
C GLN A 65 0.21 -15.06 -7.01
N THR A 66 0.06 -15.12 -5.68
CA THR A 66 -1.18 -14.89 -5.01
C THR A 66 -1.54 -13.41 -5.17
N VAL A 67 -0.67 -12.49 -4.75
CA VAL A 67 -0.98 -11.07 -4.89
C VAL A 67 -1.20 -10.65 -6.36
N ALA A 68 -0.40 -11.19 -7.26
CA ALA A 68 -0.61 -10.91 -8.67
C ALA A 68 -2.08 -11.28 -9.02
N ALA A 69 -2.54 -12.47 -8.67
CA ALA A 69 -3.89 -12.90 -9.05
C ALA A 69 -4.91 -11.96 -8.48
N LEU A 70 -4.73 -11.46 -7.24
CA LEU A 70 -5.71 -10.59 -6.54
C LEU A 70 -5.78 -9.22 -7.22
N GLU A 71 -4.75 -8.83 -7.96
CA GLU A 71 -4.73 -7.55 -8.71
C GLU A 71 -5.12 -7.66 -10.15
N GLY A 72 -5.46 -8.88 -10.58
CA GLY A 72 -5.69 -9.07 -11.99
C GLY A 72 -4.47 -8.98 -12.84
N ALA A 73 -3.31 -9.33 -12.28
CA ALA A 73 -2.00 -9.23 -12.85
C ALA A 73 -1.42 -10.59 -13.26
N LYS A 74 -0.71 -10.68 -14.35
CA LYS A 74 0.01 -11.92 -14.67
C LYS A 74 1.28 -12.06 -13.83
N TYR A 75 1.84 -10.94 -13.37
CA TYR A 75 3.23 -10.98 -12.77
C TYR A 75 3.25 -10.24 -11.45
N GLY A 76 4.07 -10.74 -10.56
CA GLY A 76 4.31 -10.20 -9.27
C GLY A 76 5.69 -10.50 -8.76
N ARG A 77 6.34 -9.55 -8.04
CA ARG A 77 7.61 -9.80 -7.43
C ARG A 77 7.69 -9.15 -6.07
N ALA A 78 8.22 -9.86 -5.07
CA ALA A 78 8.27 -9.46 -3.69
C ALA A 78 9.60 -9.00 -3.27
N PHE A 79 9.59 -8.09 -2.28
CA PHE A 79 10.72 -7.39 -1.78
C PHE A 79 10.70 -7.30 -0.23
N SER A 80 11.84 -6.90 0.35
CA SER A 80 12.00 -6.88 1.77
C SER A 80 11.07 -5.85 2.48
N SER A 81 10.60 -4.82 1.77
CA SER A 81 9.76 -3.77 2.37
C SER A 81 9.08 -3.08 1.23
N GLY A 82 8.03 -2.34 1.57
CA GLY A 82 7.38 -1.40 0.63
C GLY A 82 8.37 -0.39 0.08
N MET A 83 9.20 0.18 0.94
CA MET A 83 10.23 1.06 0.48
C MET A 83 11.19 0.48 -0.46
N ALA A 84 11.62 -0.76 -0.23
CA ALA A 84 12.60 -1.36 -1.17
C ALA A 84 11.98 -1.66 -2.48
N ALA A 85 10.69 -2.06 -2.49
CA ALA A 85 9.94 -2.28 -3.73
C ALA A 85 9.86 -0.96 -4.52
N THR A 86 9.60 0.15 -3.80
CA THR A 86 9.50 1.50 -4.44
C THR A 86 10.87 1.83 -5.03
N ASP A 87 11.94 1.63 -4.30
CA ASP A 87 13.26 1.93 -4.81
C ASP A 87 13.59 1.17 -6.06
N ILE A 88 13.29 -0.11 -6.09
CA ILE A 88 13.52 -0.94 -7.28
C ILE A 88 12.69 -0.46 -8.42
N LEU A 89 11.40 -0.14 -8.23
CA LEU A 89 10.59 0.30 -9.35
C LEU A 89 11.12 1.62 -9.86
N PHE A 90 11.57 2.54 -9.02
CA PHE A 90 12.16 3.79 -9.39
C PHE A 90 13.38 3.53 -10.30
N ARG A 91 14.25 2.58 -9.91
CA ARG A 91 15.49 2.32 -10.61
C ARG A 91 15.25 1.69 -11.92
N ILE A 92 14.18 0.98 -12.11
CA ILE A 92 13.82 0.40 -13.41
C ILE A 92 13.30 1.50 -14.36
N ILE A 93 12.41 2.34 -13.85
CA ILE A 93 11.67 3.27 -14.70
C ILE A 93 12.51 4.51 -14.97
N LEU A 94 13.32 4.95 -14.06
CA LEU A 94 14.02 6.24 -14.15
C LEU A 94 15.52 5.96 -14.38
N LYS A 95 16.17 6.96 -14.98
CA LYS A 95 17.60 7.16 -15.07
C LYS A 95 17.96 8.61 -14.90
N PRO A 96 19.23 8.94 -14.71
CA PRO A 96 19.60 10.40 -14.69
C PRO A 96 19.01 11.15 -15.88
N GLY A 97 18.47 12.32 -15.50
CA GLY A 97 17.83 13.15 -16.51
C GLY A 97 16.34 12.98 -16.65
N ASP A 98 15.71 11.95 -16.06
CA ASP A 98 14.31 11.72 -16.15
C ASP A 98 13.57 12.48 -15.00
N HIS A 99 12.29 12.57 -15.14
CA HIS A 99 11.41 13.28 -14.25
C HIS A 99 10.24 12.48 -13.77
N ILE A 100 9.87 12.72 -12.54
CA ILE A 100 8.68 12.17 -11.87
C ILE A 100 7.61 13.23 -11.53
N VAL A 101 6.37 12.96 -11.74
CA VAL A 101 5.25 13.73 -11.21
C VAL A 101 4.77 12.96 -9.96
N LEU A 102 4.72 13.62 -8.81
CA LEU A 102 4.32 13.08 -7.51
C LEU A 102 3.21 13.90 -6.93
N GLY A 103 2.36 13.28 -6.12
CA GLY A 103 1.33 14.01 -5.44
C GLY A 103 1.77 14.79 -4.25
N ASN A 104 0.79 15.63 -3.76
CA ASN A 104 1.01 16.53 -2.61
C ASN A 104 0.60 15.98 -1.28
N ASP A 105 0.26 14.70 -1.23
CA ASP A 105 -0.04 14.04 0.05
C ASP A 105 0.41 12.64 -0.15
N ALA A 106 1.37 12.18 0.63
CA ALA A 106 1.99 10.88 0.27
C ALA A 106 2.81 10.44 1.41
N TYR A 107 3.11 9.16 1.43
CA TYR A 107 3.86 8.62 2.44
C TYR A 107 5.23 9.39 2.43
N GLY A 108 5.54 9.80 3.63
CA GLY A 108 6.77 10.61 3.87
C GLY A 108 8.00 9.83 3.39
N GLY A 109 7.98 8.49 3.51
CA GLY A 109 9.12 7.74 3.04
C GLY A 109 9.32 7.77 1.50
N THR A 110 8.26 7.76 0.73
CA THR A 110 8.29 7.89 -0.69
C THR A 110 8.94 9.25 -1.12
N TYR A 111 8.39 10.27 -0.47
CA TYR A 111 8.91 11.60 -0.70
C TYR A 111 10.40 11.77 -0.33
N ARG A 112 10.82 11.23 0.78
CA ARG A 112 12.18 11.28 1.25
C ARG A 112 13.06 10.55 0.27
N LEU A 113 12.62 9.42 -0.22
CA LEU A 113 13.44 8.71 -1.21
C LEU A 113 13.67 9.52 -2.45
N ILE A 114 12.62 10.11 -3.00
CA ILE A 114 12.79 10.96 -4.19
C ILE A 114 13.70 12.17 -3.91
N ASP A 115 13.33 12.86 -2.85
CA ASP A 115 13.87 14.19 -2.63
C ASP A 115 15.30 14.12 -2.07
N THR A 116 15.65 13.17 -1.19
CA THR A 116 17.01 13.05 -0.68
C THR A 116 17.89 12.22 -1.57
N VAL A 117 17.43 11.06 -2.01
CA VAL A 117 18.27 10.16 -2.74
C VAL A 117 18.22 10.36 -4.23
N PHE A 118 17.06 10.24 -4.89
CA PHE A 118 17.05 10.23 -6.32
C PHE A 118 17.48 11.58 -6.95
N THR A 119 17.21 12.70 -6.25
CA THR A 119 17.70 13.99 -6.81
C THR A 119 19.25 14.05 -6.78
N ALA A 120 19.90 13.37 -5.91
CA ALA A 120 21.36 13.31 -5.89
C ALA A 120 21.90 12.47 -7.03
N TRP A 121 21.04 11.66 -7.63
CA TRP A 121 21.42 10.76 -8.78
C TRP A 121 20.89 11.31 -10.14
N GLY A 122 20.45 12.57 -10.19
CA GLY A 122 20.08 13.18 -11.45
C GLY A 122 18.64 13.14 -11.86
N VAL A 123 17.72 12.68 -10.99
CA VAL A 123 16.35 12.65 -11.26
C VAL A 123 15.69 14.01 -10.78
N GLU A 124 14.77 14.50 -11.58
CA GLU A 124 13.99 15.68 -11.29
C GLU A 124 12.59 15.24 -10.88
N TYR A 125 11.90 16.07 -10.12
CA TYR A 125 10.50 15.87 -9.87
C TYR A 125 9.68 17.15 -9.75
N THR A 126 8.38 16.94 -9.84
CA THR A 126 7.40 18.04 -9.62
C THR A 126 6.29 17.46 -8.72
N VAL A 127 5.86 18.21 -7.70
CA VAL A 127 4.71 17.90 -6.89
C VAL A 127 3.48 18.60 -7.38
N VAL A 128 2.34 17.91 -7.44
CA VAL A 128 1.10 18.43 -7.89
C VAL A 128 -0.03 17.89 -7.01
N ASP A 129 -1.16 18.47 -7.09
CA ASP A 129 -2.36 17.86 -6.53
C ASP A 129 -2.93 16.91 -7.51
N THR A 130 -2.70 15.58 -7.29
CA THR A 130 -3.16 14.58 -8.25
C THR A 130 -4.65 14.34 -8.37
N SER A 131 -5.42 14.91 -7.40
CA SER A 131 -6.86 14.94 -7.50
C SER A 131 -7.38 15.90 -8.56
N VAL A 132 -6.52 16.82 -9.06
CA VAL A 132 -6.86 17.75 -10.14
C VAL A 132 -6.17 17.23 -11.39
N VAL A 133 -6.97 16.62 -12.27
CA VAL A 133 -6.39 15.99 -13.46
C VAL A 133 -5.63 17.00 -14.29
N GLU A 134 -6.14 18.23 -14.46
CA GLU A 134 -5.40 19.23 -15.21
C GLU A 134 -4.04 19.61 -14.64
N GLU A 135 -3.86 19.54 -13.35
CA GLU A 135 -2.58 19.83 -12.73
C GLU A 135 -1.57 18.74 -13.11
N VAL A 136 -2.04 17.48 -13.06
CA VAL A 136 -1.14 16.37 -13.49
C VAL A 136 -0.75 16.60 -14.99
N LYS A 137 -1.74 16.82 -15.84
CA LYS A 137 -1.52 17.00 -17.26
C LYS A 137 -0.49 18.11 -17.46
N ALA A 138 -0.57 19.19 -16.73
CA ALA A 138 0.33 20.33 -16.96
C ALA A 138 1.75 20.08 -16.55
N ALA A 139 1.95 19.16 -15.59
CA ALA A 139 3.23 18.89 -15.09
C ALA A 139 4.07 17.85 -15.88
N ILE A 140 3.41 17.15 -16.77
CA ILE A 140 4.08 16.14 -17.64
C ILE A 140 4.96 16.87 -18.66
N LYS A 141 6.25 16.56 -18.67
CA LYS A 141 7.26 17.09 -19.60
C LYS A 141 7.76 15.96 -20.52
N ASP A 142 8.60 16.31 -21.47
CA ASP A 142 9.06 15.33 -22.43
C ASP A 142 9.93 14.28 -21.78
N ASN A 143 10.54 14.63 -20.69
CA ASN A 143 11.38 13.70 -19.90
C ASN A 143 10.63 12.97 -18.75
N THR A 144 9.35 13.20 -18.61
CA THR A 144 8.55 12.53 -17.51
C THR A 144 8.48 11.10 -17.87
N LYS A 145 8.98 10.23 -16.95
CA LYS A 145 8.87 8.76 -17.10
C LYS A 145 7.94 8.11 -16.12
N LEU A 146 7.49 8.85 -15.11
CA LEU A 146 6.72 8.24 -14.00
C LEU A 146 5.75 9.26 -13.45
N ILE A 147 4.54 8.83 -13.31
CA ILE A 147 3.52 9.54 -12.47
C ILE A 147 3.22 8.58 -11.29
N TRP A 148 3.47 9.04 -10.08
CA TRP A 148 3.32 8.24 -8.87
C TRP A 148 2.07 8.67 -8.12
N VAL A 149 1.11 7.78 -8.02
CA VAL A 149 -0.16 8.10 -7.40
C VAL A 149 -0.37 7.22 -6.16
N GLU A 150 -0.79 7.74 -5.04
CA GLU A 150 -1.32 6.99 -3.93
C GLU A 150 -2.76 7.33 -3.84
N THR A 151 -3.70 6.40 -3.73
CA THR A 151 -5.09 6.75 -3.50
C THR A 151 -5.80 5.62 -2.75
N PRO A 152 -6.39 5.91 -1.58
CA PRO A 152 -6.34 7.14 -0.84
C PRO A 152 -4.96 7.46 -0.38
N THR A 153 -4.64 8.73 -0.25
CA THR A 153 -3.31 9.13 0.22
C THR A 153 -3.07 8.97 1.69
N ASN A 154 -1.79 8.82 2.12
CA ASN A 154 -1.45 8.67 3.51
C ASN A 154 -0.86 9.98 3.92
N PRO A 155 -1.43 10.76 4.84
CA PRO A 155 -2.51 10.33 5.75
C PRO A 155 -3.86 10.95 5.42
N ALA A 156 -3.98 11.92 4.51
CA ALA A 156 -5.23 12.66 4.36
C ALA A 156 -6.30 12.03 3.60
N LEU A 157 -6.05 10.84 3.02
CA LEU A 157 -7.04 10.11 2.29
C LEU A 157 -7.58 10.83 1.09
N GLY A 158 -6.69 11.59 0.44
CA GLY A 158 -7.04 12.20 -0.83
C GLY A 158 -7.25 11.21 -1.93
N ILE A 159 -8.09 11.46 -2.90
CA ILE A 159 -8.49 10.53 -3.90
C ILE A 159 -8.09 10.97 -5.31
N THR A 160 -7.49 10.14 -6.10
CA THR A 160 -7.14 10.42 -7.47
C THR A 160 -7.93 9.56 -8.37
N ASP A 161 -8.39 10.08 -9.53
CA ASP A 161 -9.10 9.35 -10.52
C ASP A 161 -8.11 8.59 -11.38
N ILE A 162 -7.97 7.28 -11.03
CA ILE A 162 -6.88 6.49 -11.67
C ILE A 162 -7.05 6.44 -13.22
N GLU A 163 -8.25 6.17 -13.68
CA GLU A 163 -8.51 5.99 -15.13
C GLU A 163 -8.20 7.32 -15.81
N ALA A 164 -8.60 8.44 -15.21
CA ALA A 164 -8.34 9.70 -15.83
C ALA A 164 -6.87 10.04 -15.95
N VAL A 165 -6.07 9.80 -14.89
CA VAL A 165 -4.71 10.00 -14.94
C VAL A 165 -4.01 9.03 -15.88
N ALA A 166 -4.45 7.78 -15.91
CA ALA A 166 -3.87 6.84 -16.91
C ALA A 166 -4.03 7.34 -18.35
N LYS A 167 -5.22 7.85 -18.67
CA LYS A 167 -5.43 8.43 -20.01
C LYS A 167 -4.41 9.49 -20.37
N LEU A 168 -3.96 10.29 -19.39
CA LEU A 168 -2.89 11.27 -19.65
C LEU A 168 -1.55 10.74 -20.15
N THR A 169 -1.27 9.46 -19.84
CA THR A 169 -0.02 8.91 -20.29
C THR A 169 -0.01 8.46 -21.76
N GLU A 170 -1.16 8.40 -22.40
CA GLU A 170 -1.23 8.06 -23.88
C GLU A 170 -0.48 9.13 -24.66
N GLY A 171 0.39 8.69 -25.59
CA GLY A 171 1.23 9.59 -26.40
C GLY A 171 2.45 10.08 -25.72
N THR A 172 2.74 9.48 -24.53
CA THR A 172 3.86 9.92 -23.72
C THR A 172 4.69 8.66 -23.42
N ASN A 173 5.88 8.91 -22.94
CA ASN A 173 6.71 7.89 -22.37
C ASN A 173 6.54 7.79 -20.83
N ALA A 174 5.48 8.34 -20.25
CA ALA A 174 5.25 8.26 -18.78
C ALA A 174 4.51 6.97 -18.48
N LYS A 175 4.88 6.35 -17.36
CA LYS A 175 4.09 5.25 -16.80
C LYS A 175 3.38 5.70 -15.51
N LEU A 176 2.19 5.25 -15.30
CA LEU A 176 1.44 5.46 -14.07
C LEU A 176 1.66 4.26 -13.14
N VAL A 177 2.16 4.56 -11.94
CA VAL A 177 2.26 3.57 -10.87
C VAL A 177 1.37 4.04 -9.75
N VAL A 178 0.50 3.10 -9.29
CA VAL A 178 -0.38 3.34 -8.13
C VAL A 178 0.15 2.57 -6.93
N ASP A 179 0.37 3.27 -5.85
CA ASP A 179 0.64 2.66 -4.52
C ASP A 179 -0.74 2.37 -3.94
N ASN A 180 -1.11 1.08 -3.98
CA ASN A 180 -2.44 0.56 -3.57
C ASN A 180 -2.45 0.01 -2.16
N THR A 181 -1.52 0.43 -1.31
CA THR A 181 -1.38 -0.09 0.04
C THR A 181 -2.66 0.08 0.83
N PHE A 182 -3.17 1.32 0.93
CA PHE A 182 -4.34 1.60 1.81
C PHE A 182 -5.60 0.94 1.35
N ALA A 183 -5.83 0.86 0.03
CA ALA A 183 -7.10 0.21 -0.42
C ALA A 183 -7.02 -1.31 -0.36
N SER A 184 -5.84 -1.83 -0.64
CA SER A 184 -5.59 -3.28 -0.84
C SER A 184 -6.20 -3.72 -2.11
N PRO A 185 -5.81 -4.91 -2.58
CA PRO A 185 -6.43 -5.41 -3.77
C PRO A 185 -7.90 -5.78 -3.63
N TYR A 186 -8.39 -5.97 -2.41
CA TYR A 186 -9.79 -6.31 -2.15
C TYR A 186 -10.70 -5.13 -2.47
N LEU A 187 -10.20 -3.91 -2.32
CA LEU A 187 -11.05 -2.69 -2.54
C LEU A 187 -10.78 -2.03 -3.84
N GLN A 188 -9.64 -2.18 -4.44
CA GLN A 188 -9.31 -1.40 -5.62
C GLN A 188 -8.25 -2.10 -6.47
N GLN A 189 -8.42 -2.13 -7.80
CA GLN A 189 -7.55 -2.85 -8.69
C GLN A 189 -7.06 -1.89 -9.79
N PRO A 190 -6.05 -1.11 -9.47
CA PRO A 190 -5.60 -0.07 -10.44
C PRO A 190 -5.21 -0.56 -11.80
N LEU A 191 -4.71 -1.76 -11.96
CA LEU A 191 -4.38 -2.24 -13.34
C LEU A 191 -5.60 -2.25 -14.20
N LYS A 192 -6.74 -2.50 -13.62
CA LYS A 192 -8.02 -2.58 -14.43
C LYS A 192 -8.45 -1.17 -14.85
N LEU A 193 -7.82 -0.13 -14.32
CA LEU A 193 -8.18 1.25 -14.68
C LEU A 193 -7.07 1.90 -15.43
N GLY A 194 -6.02 1.18 -15.83
CA GLY A 194 -5.02 1.67 -16.64
C GLY A 194 -3.67 1.96 -16.09
N ALA A 195 -3.47 1.71 -14.77
CA ALA A 195 -2.15 1.81 -14.25
C ALA A 195 -1.17 0.80 -14.90
N HIS A 196 0.08 1.16 -15.02
CA HIS A 196 1.12 0.28 -15.61
C HIS A 196 1.65 -0.74 -14.60
N ALA A 197 1.74 -0.33 -13.35
CA ALA A 197 2.20 -1.21 -12.28
C ALA A 197 1.49 -0.74 -10.99
N VAL A 198 1.48 -1.67 -10.02
CA VAL A 198 0.89 -1.44 -8.70
C VAL A 198 1.91 -1.84 -7.66
N LEU A 199 2.05 -1.00 -6.64
CA LEU A 199 2.93 -1.24 -5.51
C LEU A 199 2.10 -1.46 -4.26
N HIS A 200 2.54 -2.37 -3.41
CA HIS A 200 2.08 -2.55 -2.08
C HIS A 200 3.17 -2.58 -1.04
N SER A 201 2.95 -1.97 0.11
CA SER A 201 3.61 -2.33 1.38
C SER A 201 2.77 -3.50 1.98
N THR A 202 3.21 -4.74 1.89
CA THR A 202 2.50 -5.85 2.47
C THR A 202 2.60 -5.85 3.96
N THR A 203 3.49 -5.01 4.54
CA THR A 203 3.55 -4.73 5.97
C THR A 203 2.22 -4.43 6.58
N LYS A 204 1.37 -3.81 5.79
CA LYS A 204 0.10 -3.26 6.24
C LYS A 204 -1.04 -4.28 6.08
N TYR A 205 -2.05 -4.04 5.28
CA TYR A 205 -3.18 -4.92 5.18
C TYR A 205 -2.95 -6.31 4.65
N ILE A 206 -2.10 -6.47 3.64
CA ILE A 206 -1.93 -7.79 3.05
C ILE A 206 -1.44 -8.82 4.10
N GLY A 207 -0.36 -8.54 4.83
CA GLY A 207 -0.01 -9.38 5.97
C GLY A 207 -1.00 -9.36 7.06
N GLY A 208 -1.36 -8.13 7.46
CA GLY A 208 -2.50 -7.92 8.35
C GLY A 208 -2.34 -8.09 9.82
N HIS A 209 -1.16 -8.58 10.26
CA HIS A 209 -0.91 -9.02 11.66
C HIS A 209 0.27 -8.31 12.29
N SER A 210 0.71 -7.20 11.65
CA SER A 210 1.74 -6.35 12.21
C SER A 210 2.97 -7.05 12.62
N ASP A 211 3.34 -8.10 11.89
CA ASP A 211 4.49 -8.93 12.25
C ASP A 211 5.46 -9.24 11.19
N VAL A 212 5.29 -8.70 10.01
CA VAL A 212 6.21 -8.94 8.88
C VAL A 212 6.27 -7.65 8.02
N VAL A 213 7.46 -7.14 7.72
CA VAL A 213 7.73 -6.02 6.81
C VAL A 213 7.89 -6.65 5.42
N GLY A 214 7.28 -6.09 4.41
CA GLY A 214 7.41 -6.59 3.04
C GLY A 214 6.82 -5.63 2.01
N GLY A 215 7.26 -5.79 0.75
CA GLY A 215 6.70 -5.08 -0.39
C GLY A 215 6.44 -5.95 -1.55
N LEU A 216 5.64 -5.50 -2.51
CA LEU A 216 5.35 -6.29 -3.65
C LEU A 216 4.95 -5.40 -4.79
N VAL A 217 5.35 -5.74 -6.02
CA VAL A 217 5.02 -5.02 -7.26
C VAL A 217 4.33 -5.96 -8.17
N VAL A 218 3.19 -5.53 -8.76
CA VAL A 218 2.51 -6.32 -9.72
C VAL A 218 2.34 -5.57 -11.07
N THR A 219 2.25 -6.32 -12.17
CA THR A 219 2.13 -5.77 -13.50
C THR A 219 1.59 -6.78 -14.44
N ASN A 220 1.12 -6.30 -15.60
CA ASN A 220 0.87 -7.15 -16.77
C ASN A 220 1.89 -7.04 -17.83
N ASP A 221 2.94 -6.23 -17.63
CA ASP A 221 4.04 -6.05 -18.61
C ASP A 221 5.14 -7.03 -18.41
N GLN A 222 5.28 -8.02 -19.30
CA GLN A 222 6.30 -9.03 -19.12
C GLN A 222 7.70 -8.45 -19.06
N GLU A 223 8.02 -7.42 -19.80
CA GLU A 223 9.33 -6.73 -19.75
C GLU A 223 9.59 -6.16 -18.37
N MET A 224 8.57 -5.52 -17.80
CA MET A 224 8.65 -5.07 -16.45
C MET A 224 8.86 -6.20 -15.47
N ASP A 225 8.24 -7.32 -15.63
CA ASP A 225 8.44 -8.50 -14.78
C ASP A 225 9.88 -8.99 -14.89
N GLU A 226 10.42 -9.00 -16.15
CA GLU A 226 11.81 -9.41 -16.32
C GLU A 226 12.77 -8.46 -15.59
N GLU A 227 12.56 -7.15 -15.67
CA GLU A 227 13.45 -6.17 -15.02
C GLU A 227 13.25 -6.29 -13.48
N LEU A 228 12.04 -6.50 -13.00
CA LEU A 228 11.81 -6.69 -11.48
C LEU A 228 12.57 -7.91 -11.04
N LEU A 229 12.51 -9.01 -11.80
CA LEU A 229 13.29 -10.20 -11.45
C LEU A 229 14.76 -9.98 -11.47
N PHE A 230 15.28 -9.27 -12.51
CA PHE A 230 16.65 -8.96 -12.65
C PHE A 230 17.10 -8.19 -11.44
N MET A 231 16.31 -7.20 -11.01
CA MET A 231 16.71 -6.41 -9.89
C MET A 231 16.55 -7.11 -8.52
N GLN A 232 15.51 -7.92 -8.40
CA GLN A 232 15.31 -8.71 -7.22
C GLN A 232 16.60 -9.49 -6.94
N GLY A 233 17.12 -10.21 -7.93
CA GLY A 233 18.29 -11.03 -7.81
C GLY A 233 19.56 -10.21 -7.82
N GLY A 234 19.64 -9.10 -8.54
CA GLY A 234 20.88 -8.42 -8.76
C GLY A 234 21.17 -7.36 -7.71
N ILE A 235 20.13 -6.71 -7.16
CA ILE A 235 20.30 -5.80 -6.03
C ILE A 235 20.02 -6.61 -4.72
N GLY A 236 19.12 -7.60 -4.71
CA GLY A 236 18.91 -8.45 -3.60
C GLY A 236 18.09 -7.95 -2.42
N PRO A 237 17.11 -7.07 -2.51
CA PRO A 237 16.22 -6.77 -1.38
C PRO A 237 15.10 -7.78 -1.33
N ILE A 238 15.46 -8.99 -1.06
CA ILE A 238 14.49 -10.08 -1.14
C ILE A 238 13.93 -10.41 0.25
N PRO A 239 12.64 -10.85 0.33
CA PRO A 239 12.06 -11.22 1.63
C PRO A 239 12.65 -12.53 2.12
N SER A 240 12.66 -12.73 3.42
CA SER A 240 12.86 -14.04 4.03
C SER A 240 11.76 -15.02 3.64
N VAL A 241 12.05 -16.29 3.54
CA VAL A 241 11.04 -17.30 3.28
C VAL A 241 10.05 -17.36 4.43
N PHE A 242 10.49 -17.13 5.66
CA PHE A 242 9.58 -17.18 6.81
C PHE A 242 8.62 -16.01 6.64
N ASP A 243 9.12 -14.83 6.29
CA ASP A 243 8.24 -13.66 6.14
C ASP A 243 7.29 -13.88 4.99
N ALA A 244 7.73 -14.43 3.85
CA ALA A 244 6.83 -14.64 2.71
C ALA A 244 5.74 -15.65 3.08
N TYR A 245 6.04 -16.66 3.89
CA TYR A 245 5.01 -17.57 4.39
C TYR A 245 4.02 -16.85 5.30
N LEU A 246 4.51 -16.04 6.23
CA LEU A 246 3.63 -15.30 7.16
C LEU A 246 2.74 -14.29 6.45
N THR A 247 3.32 -13.58 5.49
CA THR A 247 2.56 -12.65 4.66
C THR A 247 1.42 -13.39 3.96
N ALA A 248 1.75 -14.45 3.24
CA ALA A 248 0.71 -15.23 2.56
C ALA A 248 -0.29 -15.81 3.50
N ARG A 249 0.13 -16.21 4.70
CA ARG A 249 -0.81 -16.70 5.70
C ARG A 249 -1.85 -15.63 6.09
N GLY A 250 -1.30 -14.44 6.34
CA GLY A 250 -2.18 -13.34 6.64
C GLY A 250 -3.13 -13.03 5.51
N LEU A 251 -2.63 -13.06 4.28
CA LEU A 251 -3.43 -12.72 3.09
C LEU A 251 -4.68 -13.63 2.91
N LYS A 252 -4.60 -14.84 3.48
CA LYS A 252 -5.75 -15.74 3.40
C LYS A 252 -7.01 -15.22 4.04
N THR A 253 -6.90 -14.25 4.96
CA THR A 253 -8.05 -13.63 5.64
C THR A 253 -8.28 -12.15 5.20
N LEU A 254 -7.66 -11.71 4.13
CA LEU A 254 -7.81 -10.29 3.74
C LEU A 254 -9.24 -9.86 3.53
N ALA A 255 -10.00 -10.64 2.78
CA ALA A 255 -11.39 -10.22 2.55
C ALA A 255 -12.15 -10.12 3.81
N VAL A 256 -12.12 -11.10 4.72
CA VAL A 256 -12.89 -11.09 5.96
C VAL A 256 -12.40 -9.99 6.91
N ARG A 257 -11.07 -9.76 6.94
CA ARG A 257 -10.56 -8.67 7.71
C ARG A 257 -11.05 -7.35 7.16
N MET A 258 -10.80 -7.10 5.89
CA MET A 258 -11.12 -5.78 5.32
C MET A 258 -12.61 -5.49 5.43
N ASP A 259 -13.48 -6.46 5.29
CA ASP A 259 -14.90 -6.16 5.41
C ASP A 259 -15.19 -5.67 6.84
N ARG A 260 -14.54 -6.19 7.87
CA ARG A 260 -14.74 -5.76 9.24
C ARG A 260 -14.06 -4.42 9.45
N HIS A 261 -12.87 -4.20 8.93
CA HIS A 261 -12.21 -2.89 9.06
C HIS A 261 -13.17 -1.81 8.47
N CYS A 262 -13.75 -2.05 7.32
CA CYS A 262 -14.59 -1.04 6.64
C CYS A 262 -15.90 -0.89 7.41
N ASP A 263 -16.51 -1.96 7.87
CA ASP A 263 -17.72 -1.85 8.75
C ASP A 263 -17.39 -0.93 9.91
N ASN A 264 -16.30 -1.17 10.59
CA ASN A 264 -15.95 -0.46 11.79
C ASN A 264 -15.62 0.99 11.44
N ALA A 265 -14.82 1.21 10.44
CA ALA A 265 -14.40 2.60 10.11
C ALA A 265 -15.66 3.43 9.72
N GLU A 266 -16.58 2.88 8.95
CA GLU A 266 -17.81 3.66 8.60
C GLU A 266 -18.48 4.14 9.89
N LYS A 267 -18.56 3.34 10.90
CA LYS A 267 -19.28 3.70 12.12
C LYS A 267 -18.49 4.67 12.93
N ILE A 268 -17.17 4.51 13.07
CA ILE A 268 -16.35 5.48 13.81
C ILE A 268 -16.33 6.83 13.06
N ALA A 269 -16.22 6.87 11.74
CA ALA A 269 -16.22 8.13 11.00
C ALA A 269 -17.57 8.85 11.27
N GLU A 270 -18.67 8.14 11.23
CA GLU A 270 -20.02 8.76 11.45
C GLU A 270 -19.98 9.28 12.85
N PHE A 271 -19.51 8.57 13.87
CA PHE A 271 -19.54 9.07 15.25
C PHE A 271 -18.66 10.33 15.34
N LEU A 272 -17.48 10.38 14.78
CA LEU A 272 -16.59 11.52 14.84
C LEU A 272 -17.23 12.70 14.20
N ASP A 273 -17.97 12.51 13.14
CA ASP A 273 -18.60 13.60 12.37
C ASP A 273 -19.72 14.24 13.18
N SER A 274 -20.10 13.66 14.30
CA SER A 274 -21.18 14.25 15.15
C SER A 274 -20.60 15.01 16.29
N ARG A 275 -19.30 15.09 16.46
CA ARG A 275 -18.70 15.64 17.68
C ARG A 275 -18.09 17.01 17.44
N PRO A 276 -18.33 18.03 18.37
CA PRO A 276 -17.81 19.35 18.16
C PRO A 276 -16.30 19.47 18.45
N GLU A 277 -15.65 18.44 19.06
CA GLU A 277 -14.20 18.45 19.24
C GLU A 277 -13.50 18.30 17.91
N VAL A 278 -14.21 17.80 16.91
CA VAL A 278 -13.64 17.50 15.61
C VAL A 278 -13.93 18.56 14.59
N SER A 279 -12.96 19.19 13.97
CA SER A 279 -13.27 20.11 12.90
C SER A 279 -13.53 19.46 11.55
N THR A 280 -12.85 18.33 11.23
CA THR A 280 -12.97 17.70 9.93
C THR A 280 -12.69 16.20 10.17
N VAL A 281 -13.56 15.35 9.59
CA VAL A 281 -13.32 13.88 9.44
C VAL A 281 -12.99 13.63 8.00
N LEU A 282 -11.80 13.01 7.79
CA LEU A 282 -11.33 12.60 6.54
C LEU A 282 -11.58 11.10 6.41
N TYR A 283 -12.52 10.77 5.58
CA TYR A 283 -12.89 9.35 5.32
C TYR A 283 -13.49 9.31 3.95
N PRO A 284 -13.03 8.51 2.98
CA PRO A 284 -13.52 8.55 1.63
C PRO A 284 -15.01 8.28 1.45
N GLY A 285 -15.64 7.57 2.35
CA GLY A 285 -17.06 7.28 2.25
C GLY A 285 -17.97 8.39 2.67
N LEU A 286 -17.48 9.47 3.20
CA LEU A 286 -18.35 10.63 3.56
C LEU A 286 -18.64 11.41 2.29
N LYS A 287 -19.94 11.82 2.15
CA LYS A 287 -20.33 12.56 0.94
C LYS A 287 -19.52 13.85 0.64
N ASN A 288 -19.02 14.55 1.63
CA ASN A 288 -18.29 15.76 1.39
C ASN A 288 -16.81 15.58 1.31
N HIS A 289 -16.34 14.31 1.51
CA HIS A 289 -14.90 14.12 1.40
C HIS A 289 -14.55 14.39 -0.02
N PRO A 290 -13.43 15.17 -0.23
CA PRO A 290 -13.09 15.55 -1.61
C PRO A 290 -12.80 14.29 -2.43
N GLY A 291 -13.42 14.14 -3.55
CA GLY A 291 -13.20 12.97 -4.36
C GLY A 291 -14.06 11.80 -3.99
N HIS A 292 -15.03 12.02 -3.10
CA HIS A 292 -15.93 10.91 -2.73
C HIS A 292 -16.55 10.19 -3.92
N GLU A 293 -17.04 10.91 -4.95
CA GLU A 293 -17.65 10.31 -6.09
C GLU A 293 -16.65 9.48 -6.93
N VAL A 294 -15.42 9.96 -7.00
CA VAL A 294 -14.32 9.19 -7.65
C VAL A 294 -14.08 7.94 -6.81
N ALA A 295 -14.04 8.08 -5.49
CA ALA A 295 -13.76 6.89 -4.71
C ALA A 295 -14.83 5.85 -4.90
N ALA A 296 -16.12 6.27 -4.93
CA ALA A 296 -17.21 5.32 -5.00
C ALA A 296 -17.19 4.62 -6.35
N LYS A 297 -16.64 5.21 -7.39
CA LYS A 297 -16.54 4.50 -8.69
C LYS A 297 -15.43 3.51 -8.74
N GLN A 298 -14.32 3.76 -8.05
CA GLN A 298 -13.14 2.94 -8.28
C GLN A 298 -12.86 2.05 -7.05
N MET A 299 -13.53 2.21 -5.90
CA MET A 299 -13.27 1.43 -4.70
C MET A 299 -14.54 0.64 -4.35
N LYS A 300 -14.43 -0.64 -3.95
CA LYS A 300 -15.52 -1.44 -3.54
C LYS A 300 -16.12 -0.98 -2.23
N ARG A 301 -15.25 -0.55 -1.32
CA ARG A 301 -15.62 0.03 -0.04
C ARG A 301 -14.56 1.11 0.22
N PHE A 302 -14.70 1.82 1.32
CA PHE A 302 -13.92 3.08 1.50
C PHE A 302 -12.79 2.98 2.46
N GLY A 303 -12.53 1.76 3.00
CA GLY A 303 -11.32 1.47 3.70
C GLY A 303 -11.43 1.52 5.22
N GLY A 304 -10.35 1.15 5.86
CA GLY A 304 -10.23 1.15 7.28
C GLY A 304 -9.56 2.32 7.97
N MET A 305 -9.07 3.26 7.18
CA MET A 305 -8.30 4.40 7.70
C MET A 305 -9.22 5.60 7.84
N ILE A 306 -9.02 6.33 8.92
CA ILE A 306 -9.75 7.66 9.11
C ILE A 306 -8.68 8.62 9.62
N SER A 307 -8.69 9.84 9.12
CA SER A 307 -7.96 10.92 9.74
C SER A 307 -8.90 11.99 10.26
N VAL A 308 -8.46 12.65 11.27
CA VAL A 308 -9.33 13.57 12.05
C VAL A 308 -8.50 14.80 12.33
N ARG A 309 -9.12 15.97 12.11
CA ARG A 309 -8.52 17.25 12.51
C ARG A 309 -9.29 17.81 13.65
N PHE A 310 -8.60 18.20 14.74
CA PHE A 310 -9.15 18.62 15.97
C PHE A 310 -9.30 20.19 16.07
N ALA A 311 -10.48 20.57 16.50
CA ALA A 311 -10.78 22.02 16.66
C ALA A 311 -9.82 22.65 17.63
N GLY A 312 -9.37 21.93 18.61
CA GLY A 312 -8.39 22.47 19.60
C GLY A 312 -6.95 22.40 19.22
N GLY A 313 -6.68 22.14 17.97
CA GLY A 313 -5.36 22.20 17.38
C GLY A 313 -4.44 21.07 17.84
N GLU A 314 -3.14 21.33 17.70
CA GLU A 314 -2.15 20.34 18.05
C GLU A 314 -2.24 19.82 19.43
N GLU A 315 -2.47 20.63 20.47
CA GLU A 315 -2.62 20.15 21.83
C GLU A 315 -3.77 19.14 21.98
N ALA A 316 -4.88 19.40 21.29
CA ALA A 316 -6.00 18.46 21.33
C ALA A 316 -5.68 17.18 20.60
N ALA A 317 -5.05 17.31 19.44
CA ALA A 317 -4.61 16.10 18.62
C ALA A 317 -3.70 15.20 19.47
N LYS A 318 -2.70 15.78 20.16
CA LYS A 318 -1.81 15.01 20.96
C LYS A 318 -2.40 14.45 22.18
N LYS A 319 -3.30 15.19 22.84
CA LYS A 319 -3.98 14.67 24.02
C LYS A 319 -4.91 13.44 23.63
N PHE A 320 -5.54 13.58 22.44
CA PHE A 320 -6.39 12.46 21.94
C PHE A 320 -5.48 11.21 21.78
N CYS A 321 -4.31 11.45 21.22
CA CYS A 321 -3.35 10.37 21.04
C CYS A 321 -2.98 9.64 22.32
N THR A 322 -2.85 10.33 23.44
CA THR A 322 -2.47 9.70 24.68
C THR A 322 -3.64 9.31 25.60
N SER A 323 -4.88 9.50 25.14
CA SER A 323 -6.07 9.23 25.94
C SER A 323 -6.78 7.90 25.63
N THR A 324 -6.53 7.39 24.42
CA THR A 324 -7.17 6.13 24.03
C THR A 324 -6.58 4.99 24.84
N LYS A 325 -7.38 3.99 25.21
CA LYS A 325 -6.93 2.87 25.96
C LYS A 325 -7.03 1.54 25.25
N LEU A 326 -7.72 1.48 24.12
CA LEU A 326 -7.77 0.25 23.29
C LEU A 326 -7.00 0.47 22.04
N ILE A 327 -7.23 1.59 21.36
CA ILE A 327 -6.47 2.00 20.22
C ILE A 327 -5.09 2.40 20.67
N CYS A 328 -4.05 1.81 20.08
CA CYS A 328 -2.71 2.05 20.56
C CYS A 328 -1.98 3.08 19.75
N LEU A 329 -1.26 3.94 20.50
CA LEU A 329 -0.31 4.95 19.92
C LEU A 329 0.95 4.27 19.40
N ALA A 330 1.04 4.22 18.10
CA ALA A 330 2.14 3.56 17.42
C ALA A 330 2.13 3.90 15.99
N GLU A 331 3.22 3.74 15.27
CA GLU A 331 3.31 3.88 13.85
C GLU A 331 2.72 2.62 13.16
N SER A 332 2.53 2.69 11.86
CA SER A 332 1.99 1.62 11.02
C SER A 332 0.48 1.59 11.06
N LEU A 333 -0.04 0.63 10.30
CA LEU A 333 -1.45 0.54 9.98
C LEU A 333 -1.77 -0.78 9.35
N GLY A 334 -3.06 -1.08 9.24
CA GLY A 334 -3.54 -2.22 8.49
C GLY A 334 -3.44 -3.55 9.21
N GLY A 335 -3.15 -3.53 10.45
CA GLY A 335 -3.25 -4.75 11.26
C GLY A 335 -4.58 -4.92 11.88
N VAL A 336 -4.79 -6.14 12.43
CA VAL A 336 -6.05 -6.47 13.09
C VAL A 336 -6.27 -5.59 14.30
N GLU A 337 -5.23 -5.12 14.97
CA GLU A 337 -5.34 -4.21 16.12
C GLU A 337 -5.45 -2.77 15.63
N SER A 338 -6.25 -2.01 16.37
CA SER A 338 -6.38 -0.55 16.04
C SER A 338 -5.18 0.26 16.57
N LEU A 339 -4.77 1.18 15.70
CA LEU A 339 -3.63 2.06 16.00
C LEU A 339 -4.00 3.49 15.70
N LEU A 340 -3.27 4.39 16.37
CA LEU A 340 -3.37 5.80 15.95
C LEU A 340 -1.99 6.51 16.08
N GLU A 341 -1.87 7.61 15.34
CA GLU A 341 -0.60 8.35 15.39
C GLU A 341 -0.87 9.80 15.02
N HIS A 342 0.12 10.61 15.30
CA HIS A 342 0.15 12.09 14.97
C HIS A 342 1.12 12.32 13.76
N PRO A 343 0.76 12.30 12.51
CA PRO A 343 1.74 12.28 11.36
C PRO A 343 2.75 13.35 11.34
N ALA A 344 2.41 14.52 11.82
CA ALA A 344 3.37 15.66 11.73
C ALA A 344 4.63 15.38 12.52
N THR A 345 4.53 14.60 13.60
CA THR A 345 5.70 14.33 14.46
C THR A 345 6.18 12.89 14.26
N MET A 346 5.50 12.02 13.54
CA MET A 346 5.80 10.66 13.56
C MET A 346 6.00 10.27 12.13
N THR A 347 5.06 9.67 11.42
CA THR A 347 5.39 9.06 10.08
C THR A 347 5.77 10.03 8.99
N HIS A 348 5.34 11.31 9.15
CA HIS A 348 5.51 12.31 8.13
C HIS A 348 6.40 13.43 8.61
N GLN A 349 7.15 13.21 9.69
CA GLN A 349 8.09 14.28 10.11
C GLN A 349 9.08 14.60 8.95
N SER A 350 9.38 13.60 8.11
CA SER A 350 10.26 13.74 6.93
C SER A 350 9.68 14.64 5.84
N ALA A 351 8.36 14.89 5.87
CA ALA A 351 7.71 15.79 4.85
C ALA A 351 7.70 17.28 5.31
N ALA A 352 8.18 17.57 6.53
CA ALA A 352 8.24 18.98 7.06
C ALA A 352 8.95 19.90 6.03
N GLY A 353 8.45 21.11 5.75
CA GLY A 353 9.06 21.98 4.80
C GLY A 353 8.56 21.75 3.38
N SER A 354 7.96 20.65 3.12
CA SER A 354 7.58 20.42 1.77
C SER A 354 6.09 20.72 1.55
N GLN A 355 5.56 20.70 0.33
CA GLN A 355 4.08 20.82 0.18
C GLN A 355 3.37 19.59 0.84
N LEU A 356 4.07 18.53 1.10
CA LEU A 356 3.41 17.31 1.71
C LEU A 356 3.24 17.41 3.21
N GLU A 357 3.63 18.55 3.84
CA GLU A 357 3.69 18.63 5.27
C GLU A 357 2.28 18.56 5.79
N VAL A 358 2.09 17.82 6.87
CA VAL A 358 0.72 17.46 7.37
C VAL A 358 0.33 18.41 8.49
N PRO A 359 -0.93 18.87 8.53
CA PRO A 359 -1.39 19.69 9.64
C PRO A 359 -1.13 19.15 11.03
N ARG A 360 -0.68 19.96 11.95
CA ARG A 360 -0.41 19.53 13.29
C ARG A 360 -1.60 19.19 14.15
N ASP A 361 -2.82 19.53 13.66
CA ASP A 361 -3.98 19.20 14.35
C ASP A 361 -4.61 17.82 13.93
N LEU A 362 -3.84 17.09 13.13
CA LEU A 362 -4.34 15.86 12.42
C LEU A 362 -3.86 14.59 13.14
N VAL A 363 -4.82 13.70 13.40
CA VAL A 363 -4.54 12.32 13.90
C VAL A 363 -5.01 11.34 12.87
N ARG A 364 -4.15 10.31 12.60
CA ARG A 364 -4.46 9.26 11.65
C ARG A 364 -4.76 8.01 12.45
N ILE A 365 -5.94 7.42 12.13
CA ILE A 365 -6.38 6.23 12.86
C ILE A 365 -6.54 5.08 11.92
N SER A 366 -5.87 3.95 12.29
CA SER A 366 -6.05 2.65 11.60
C SER A 366 -7.07 1.86 12.42
N ILE A 367 -8.31 1.75 11.95
CA ILE A 367 -9.38 1.09 12.63
C ILE A 367 -9.19 -0.41 12.39
N GLY A 368 -9.04 -1.15 13.48
CA GLY A 368 -8.87 -2.64 13.43
C GLY A 368 -10.17 -3.35 13.38
N ILE A 369 -10.11 -4.62 13.79
CA ILE A 369 -11.25 -5.52 13.74
C ILE A 369 -11.82 -5.85 15.05
N GLU A 370 -11.48 -5.12 16.11
CA GLU A 370 -12.13 -5.25 17.40
C GLU A 370 -13.62 -4.96 17.31
N ASP A 371 -14.30 -5.29 18.39
CA ASP A 371 -15.78 -5.03 18.39
C ASP A 371 -16.04 -3.51 18.30
N ILE A 372 -16.98 -3.10 17.44
CA ILE A 372 -17.30 -1.67 17.30
C ILE A 372 -17.71 -1.04 18.57
N GLU A 373 -18.48 -1.72 19.40
CA GLU A 373 -18.91 -1.11 20.68
C GLU A 373 -17.74 -0.73 21.53
N ASP A 374 -16.69 -1.52 21.56
CA ASP A 374 -15.55 -1.21 22.34
C ASP A 374 -14.72 -0.06 21.70
N LEU A 375 -14.61 -0.03 20.38
CA LEU A 375 -13.87 1.07 19.70
C LEU A 375 -14.66 2.38 19.89
N LEU A 376 -15.99 2.35 19.72
CA LEU A 376 -16.83 3.59 19.95
C LEU A 376 -16.61 4.06 21.37
N ALA A 377 -16.62 3.17 22.33
CA ALA A 377 -16.47 3.57 23.72
C ALA A 377 -15.13 4.20 23.97
N ASP A 378 -14.08 3.65 23.34
CA ASP A 378 -12.73 4.19 23.53
C ASP A 378 -12.57 5.55 22.91
N VAL A 379 -13.07 5.75 21.70
CA VAL A 379 -13.07 7.05 21.06
C VAL A 379 -13.87 8.05 21.88
N GLU A 380 -15.05 7.70 22.29
CA GLU A 380 -15.92 8.62 23.11
C GLU A 380 -15.22 9.01 24.37
N GLN A 381 -14.67 8.14 25.17
CA GLN A 381 -13.98 8.50 26.40
C GLN A 381 -12.75 9.36 26.14
N ALA A 382 -12.06 9.12 25.03
CA ALA A 382 -10.89 9.90 24.74
C ALA A 382 -11.28 11.31 24.36
N LEU A 383 -12.36 11.52 23.62
CA LEU A 383 -12.87 12.80 23.20
C LEU A 383 -13.29 13.50 24.52
N ASN A 384 -13.91 12.79 25.44
CA ASN A 384 -14.36 13.44 26.71
C ASN A 384 -13.20 13.85 27.60
N ASN A 385 -12.02 13.28 27.45
CA ASN A 385 -10.76 13.61 28.15
C ASN A 385 -10.12 14.89 27.65
N LEU A 386 -10.72 15.53 26.66
CA LEU A 386 -10.14 16.74 26.10
C LEU A 386 -10.67 18.00 26.86
N HIS A 387 -11.72 17.81 27.64
CA HIS A 387 -12.58 18.88 28.18
C HIS A 387 -12.28 19.11 29.64
N1 PLP B . 3.35 3.31 0.97
C2 PLP B . 2.43 3.56 1.86
C2A PLP B . 1.14 4.13 1.38
C3 PLP B . 2.59 3.14 3.15
O3 PLP B . 1.64 3.34 4.12
C4 PLP B . 3.78 2.52 3.57
C4A PLP B . 3.94 2.09 4.98
C5 PLP B . 4.83 2.41 2.64
C6 PLP B . 4.55 2.81 1.34
C5A PLP B . 6.22 1.87 2.98
O4P PLP B . 6.20 0.42 3.20
P PLP B . 7.21 -0.24 4.23
O1P PLP B . 6.98 0.40 5.58
O2P PLP B . 6.77 -1.69 4.10
O3P PLP B . 8.63 -0.03 3.69
C1 GOL C . -16.85 15.11 6.51
O1 GOL C . -18.31 15.33 6.57
C2 GOL C . -16.10 16.41 6.55
O2 GOL C . -16.47 17.27 5.41
C3 GOL C . -16.39 17.18 7.80
O3 GOL C . -16.00 16.48 8.88
C1 GOL D . -4.01 -24.31 -0.48
O1 GOL D . -4.28 -25.69 -0.05
C2 GOL D . -3.54 -23.62 0.84
O2 GOL D . -2.27 -23.04 0.63
C3 GOL D . -4.43 -22.62 1.50
O3 GOL D . -4.87 -22.98 2.85
C1 GOL E . 16.61 -2.64 -14.69
O1 GOL E . 15.68 -2.52 -15.81
C2 GOL E . 17.48 -1.41 -14.59
O2 GOL E . 16.99 -0.33 -15.50
C3 GOL E . 18.91 -1.84 -14.88
O3 GOL E . 19.78 -0.73 -14.54
MG MG F . -4.83 -4.04 -10.20
MG MG G . 22.18 -24.26 -6.99
#